data_8V4B
#
_entry.id   8V4B
#
loop_
_entity.id
_entity.type
_entity.pdbx_description
1 polymer 'Ramoplanin A2 synthetic analogue'
2 non-polymer 'HEXANOIC ACID'
#
_entity_poly.entity_id   1
_entity_poly.type   'polypeptide(L)'
_entity_poly.pdbx_seq_one_letter_code
;N(DPP)(GHP)(ORD)(DTH)(D4P)(GHP)TF(ORD)(D4P)(DTH)(D4P)GL(DAL)(D4P)
;
_entity_poly.pdbx_strand_id   A
#
# COMPACT_ATOMS: atom_id res chain seq x y z
N ASN A 1 -3.04 -6.26 -2.81
CA ASN A 1 -3.64 -4.95 -2.54
C ASN A 1 -3.53 -4.59 -1.07
N THR A 8 3.39 3.28 7.92
CA THR A 8 4.65 3.82 7.42
C THR A 8 4.63 3.97 5.90
N PHE A 9 3.93 3.04 5.24
CA PHE A 9 3.83 3.06 3.79
C PHE A 9 3.06 4.27 3.31
N GLY A 14 -3.94 0.60 -1.87
CA GLY A 14 -3.25 0.47 -3.14
C GLY A 14 -2.43 -0.80 -3.22
N LEU A 15 -2.10 -1.20 -4.45
CA LEU A 15 -1.32 -2.41 -4.67
C LEU A 15 0.16 -2.17 -4.39
N ASN A 1 -3.39 -6.02 -3.10
CA ASN A 1 -3.97 -4.70 -2.81
C ASN A 1 -3.81 -4.38 -1.33
N THR A 8 3.54 2.88 7.76
CA THR A 8 4.80 3.41 7.25
C THR A 8 4.75 3.60 5.73
N PHE A 9 4.00 2.73 5.06
CA PHE A 9 3.86 2.80 3.61
C PHE A 9 3.10 4.05 3.19
N GLY A 14 -4.05 0.74 -1.91
CA GLY A 14 -3.38 0.63 -3.20
C GLY A 14 -2.58 -0.65 -3.33
N LEU A 15 -2.29 -1.03 -4.57
CA LEU A 15 -1.53 -2.25 -4.84
C LEU A 15 -0.05 -2.03 -4.56
N ASN A 1 -3.20 -6.00 -3.28
CA ASN A 1 -3.79 -4.71 -2.92
C ASN A 1 -3.65 -4.44 -1.42
N THR A 8 3.49 2.90 7.85
CA THR A 8 4.75 3.44 7.36
C THR A 8 4.73 3.63 5.85
N PHE A 9 4.02 2.75 5.15
CA PHE A 9 3.90 2.82 3.71
C PHE A 9 3.16 4.08 3.28
N GLY A 14 -4.01 0.86 -1.98
CA GLY A 14 -3.32 0.76 -3.26
C GLY A 14 -2.52 -0.51 -3.40
N LEU A 15 -2.23 -0.89 -4.63
CA LEU A 15 -1.47 -2.11 -4.90
C LEU A 15 0.02 -1.89 -4.61
N ASN A 1 -3.24 -6.24 -3.14
CA ASN A 1 -3.85 -4.96 -2.82
C ASN A 1 -3.69 -4.64 -1.34
N THR A 8 3.44 3.03 7.66
CA THR A 8 4.69 3.58 7.16
C THR A 8 4.63 3.76 5.64
N PHE A 9 3.93 2.86 4.98
CA PHE A 9 3.80 2.91 3.52
C PHE A 9 3.02 4.16 3.10
N GLY A 14 -4.14 0.64 -2.01
CA GLY A 14 -3.46 0.54 -3.29
C GLY A 14 -2.63 -0.72 -3.41
N LEU A 15 -2.38 -1.15 -4.64
CA LEU A 15 -1.59 -2.36 -4.89
C LEU A 15 -0.12 -2.10 -4.63
N ASN A 1 -3.16 -6.16 -3.25
CA ASN A 1 -3.77 -4.89 -2.88
C ASN A 1 -3.61 -4.62 -1.39
N THR A 8 3.45 2.99 7.77
CA THR A 8 4.70 3.54 7.28
C THR A 8 4.66 3.71 5.76
N PHE A 9 3.97 2.81 5.09
CA PHE A 9 3.85 2.86 3.64
C PHE A 9 3.09 4.11 3.20
N GLY A 14 -4.12 0.76 -1.99
CA GLY A 14 -3.45 0.67 -3.28
C GLY A 14 -2.63 -0.61 -3.41
N LEU A 15 -2.31 -0.97 -4.65
CA LEU A 15 -1.53 -2.18 -4.91
C LEU A 15 -0.04 -1.93 -4.63
N ASN A 1 -3.12 -6.07 -3.28
CA ASN A 1 -3.75 -4.80 -2.91
C ASN A 1 -3.59 -4.53 -1.42
N THR A 8 3.44 2.91 7.86
CA THR A 8 4.71 3.48 7.38
C THR A 8 4.67 3.69 5.86
N PHE A 9 3.97 2.79 5.17
CA PHE A 9 3.87 2.88 3.72
C PHE A 9 3.10 4.13 3.30
N GLY A 14 -4.12 0.76 -1.96
CA GLY A 14 -3.46 0.68 -3.25
C GLY A 14 -2.61 -0.57 -3.39
N LEU A 15 -2.29 -0.93 -4.63
CA LEU A 15 -1.48 -2.12 -4.90
C LEU A 15 -0.01 -1.84 -4.61
N ASN A 1 -3.49 -6.07 -3.09
CA ASN A 1 -4.02 -4.74 -2.83
C ASN A 1 -3.87 -4.37 -1.36
N THR A 8 3.44 2.86 7.78
CA THR A 8 4.71 3.38 7.28
C THR A 8 4.67 3.58 5.77
N PHE A 9 3.93 2.70 5.09
CA PHE A 9 3.81 2.79 3.63
C PHE A 9 3.07 4.06 3.23
N GLY A 14 -4.01 0.75 -2.04
CA GLY A 14 -3.32 0.64 -3.32
C GLY A 14 -2.56 -0.66 -3.47
N LEU A 15 -2.34 -1.08 -4.71
CA LEU A 15 -1.62 -2.32 -4.97
C LEU A 15 -0.12 -2.13 -4.77
N ASN A 1 -3.29 -6.08 -3.25
CA ASN A 1 -3.90 -4.79 -2.93
C ASN A 1 -3.75 -4.47 -1.45
N THR A 8 3.40 2.90 7.76
CA THR A 8 4.67 3.45 7.27
C THR A 8 4.61 3.66 5.75
N PHE A 9 3.89 2.79 5.06
CA PHE A 9 3.77 2.88 3.62
C PHE A 9 3.00 4.14 3.22
N GLY A 14 -4.06 0.79 -2.06
CA GLY A 14 -3.38 0.71 -3.34
C GLY A 14 -2.58 -0.58 -3.49
N LEU A 15 -2.34 -0.99 -4.73
CA LEU A 15 -1.59 -2.20 -5.01
C LEU A 15 -0.10 -1.98 -4.78
N ASN A 1 -3.41 -6.11 -3.16
CA ASN A 1 -3.94 -4.79 -2.86
C ASN A 1 -3.80 -4.48 -1.36
N THR A 8 3.47 2.85 7.87
CA THR A 8 4.75 3.35 7.39
C THR A 8 4.73 3.54 5.87
N PHE A 9 3.98 2.68 5.18
CA PHE A 9 3.88 2.75 3.73
C PHE A 9 3.16 4.03 3.30
N GLY A 14 -4.01 0.82 -2.03
CA GLY A 14 -3.33 0.70 -3.30
C GLY A 14 -2.55 -0.59 -3.44
N LEU A 15 -2.30 -1.00 -4.67
CA LEU A 15 -1.57 -2.24 -4.93
C LEU A 15 -0.07 -2.05 -4.69
N ASN A 1 -3.22 -6.20 -3.25
CA ASN A 1 -3.80 -4.91 -2.94
C ASN A 1 -3.67 -4.59 -1.45
N THR A 8 3.43 2.92 7.72
CA THR A 8 4.70 3.45 7.21
C THR A 8 4.64 3.65 5.71
N PHE A 9 3.89 2.79 5.03
CA PHE A 9 3.77 2.87 3.57
C PHE A 9 3.02 4.14 3.16
N GLY A 14 -4.06 0.69 -2.11
CA GLY A 14 -3.39 0.60 -3.39
C GLY A 14 -2.58 -0.68 -3.53
N LEU A 15 -2.30 -1.07 -4.77
CA LEU A 15 -1.53 -2.27 -5.03
C LEU A 15 -0.03 -2.03 -4.84
N ASN A 1 -3.18 -6.03 -3.30
CA ASN A 1 -3.78 -4.75 -2.98
C ASN A 1 -3.64 -4.44 -1.49
N THR A 8 3.45 2.94 7.76
CA THR A 8 4.70 3.48 7.26
C THR A 8 4.66 3.70 5.75
N PHE A 9 3.94 2.83 5.06
CA PHE A 9 3.81 2.93 3.61
C PHE A 9 3.04 4.19 3.22
N GLY A 14 -4.00 0.84 -2.09
CA GLY A 14 -3.31 0.77 -3.37
C GLY A 14 -2.50 -0.50 -3.52
N LEU A 15 -2.28 -0.91 -4.77
CA LEU A 15 -1.51 -2.12 -5.04
C LEU A 15 -0.02 -1.89 -4.81
N ASN A 1 -2.66 -6.03 -3.07
CA ASN A 1 -3.38 -4.80 -2.79
C ASN A 1 -3.29 -4.44 -1.30
N THR A 8 3.37 3.31 7.99
CA THR A 8 4.62 3.91 7.53
C THR A 8 4.62 4.05 6.00
N PHE A 9 3.99 3.10 5.33
CA PHE A 9 3.92 3.12 3.87
C PHE A 9 3.12 4.32 3.37
N GLY A 14 -3.84 0.52 -1.97
CA GLY A 14 -3.14 0.44 -3.23
C GLY A 14 -2.25 -0.79 -3.32
N LEU A 15 -1.82 -1.13 -4.54
CA LEU A 15 -0.97 -2.28 -4.75
C LEU A 15 0.49 -1.95 -4.45
N ASN A 1 -3.32 -6.17 -3.15
CA ASN A 1 -3.90 -4.87 -2.88
C ASN A 1 -3.76 -4.52 -1.39
N THR A 8 3.43 2.88 7.79
CA THR A 8 4.69 3.40 7.31
C THR A 8 4.67 3.59 5.80
N PHE A 9 3.95 2.72 5.11
CA PHE A 9 3.85 2.79 3.65
C PHE A 9 3.10 4.05 3.23
N GLY A 14 -4.01 0.69 -2.07
CA GLY A 14 -3.32 0.57 -3.35
C GLY A 14 -2.53 -0.72 -3.47
N LEU A 15 -2.27 -1.14 -4.71
CA LEU A 15 -1.52 -2.35 -4.95
C LEU A 15 -0.03 -2.14 -4.72
N ASN A 1 -3.07 -6.15 -2.81
CA ASN A 1 -3.65 -4.83 -2.59
C ASN A 1 -3.54 -4.43 -1.12
N THR A 8 3.45 3.29 7.95
CA THR A 8 4.70 3.85 7.47
C THR A 8 4.67 4.00 5.95
N PHE A 9 3.98 3.09 5.28
CA PHE A 9 3.88 3.11 3.83
C PHE A 9 3.11 4.33 3.35
N GLY A 14 -3.94 0.61 -1.83
CA GLY A 14 -3.25 0.52 -3.10
C GLY A 14 -2.39 -0.73 -3.19
N LEU A 15 -2.09 -1.15 -4.42
CA LEU A 15 -1.27 -2.34 -4.65
C LEU A 15 0.21 -2.04 -4.43
N ASN A 1 -3.27 -6.09 -3.18
CA ASN A 1 -3.88 -4.80 -2.89
C ASN A 1 -3.75 -4.46 -1.40
N THR A 8 3.35 3.04 7.75
CA THR A 8 4.61 3.59 7.25
C THR A 8 4.56 3.78 5.74
N PHE A 9 3.85 2.90 5.06
CA PHE A 9 3.72 2.98 3.61
C PHE A 9 2.95 4.23 3.20
N GLY A 14 -4.10 0.79 -2.05
CA GLY A 14 -3.42 0.71 -3.33
C GLY A 14 -2.61 -0.58 -3.48
N LEU A 15 -2.37 -0.99 -4.71
CA LEU A 15 -1.61 -2.20 -4.98
C LEU A 15 -0.12 -1.97 -4.77
N ASN A 1 -3.33 -6.21 -3.11
CA ASN A 1 -3.90 -4.90 -2.82
C ASN A 1 -3.76 -4.56 -1.34
N THR A 8 3.41 2.99 7.74
CA THR A 8 4.68 3.51 7.23
C THR A 8 4.64 3.68 5.72
N PHE A 9 3.92 2.79 5.05
CA PHE A 9 3.79 2.84 3.59
C PHE A 9 3.04 4.09 3.16
N GLY A 14 -4.06 0.68 -2.08
CA GLY A 14 -3.38 0.57 -3.36
C GLY A 14 -2.59 -0.71 -3.48
N LEU A 15 -2.33 -1.13 -4.72
CA LEU A 15 -1.59 -2.36 -4.97
C LEU A 15 -0.09 -2.12 -4.79
N ASN A 1 -3.13 -6.21 -3.28
CA ASN A 1 -3.70 -4.90 -2.97
C ASN A 1 -3.56 -4.60 -1.47
N THR A 8 3.45 2.93 7.75
CA THR A 8 4.70 3.50 7.28
C THR A 8 4.67 3.68 5.76
N PHE A 9 3.99 2.78 5.08
CA PHE A 9 3.89 2.85 3.62
C PHE A 9 3.13 4.09 3.19
N GLY A 14 -4.04 0.62 -2.10
CA GLY A 14 -3.37 0.53 -3.38
C GLY A 14 -2.50 -0.71 -3.50
N LEU A 15 -2.20 -1.10 -4.73
CA LEU A 15 -1.38 -2.28 -4.98
C LEU A 15 0.10 -1.99 -4.69
N ASN A 1 -3.26 -5.96 -2.88
CA ASN A 1 -3.85 -4.64 -2.71
C ASN A 1 -3.72 -4.17 -1.26
N THR A 8 3.37 3.08 7.98
CA THR A 8 4.64 3.61 7.53
C THR A 8 4.66 3.75 6.01
N PHE A 9 3.98 2.84 5.32
CA PHE A 9 3.92 2.87 3.86
C PHE A 9 3.18 4.10 3.37
N GLY A 14 -3.90 0.60 -2.00
CA GLY A 14 -3.19 0.46 -3.26
C GLY A 14 -2.33 -0.78 -3.31
N LEU A 15 -2.07 -1.26 -4.52
CA LEU A 15 -1.25 -2.46 -4.70
C LEU A 15 0.22 -2.16 -4.42
N ASN A 1 -3.27 -6.03 -3.29
CA ASN A 1 -3.81 -4.70 -2.98
C ASN A 1 -3.69 -4.39 -1.50
N THR A 8 3.48 2.89 7.77
CA THR A 8 4.74 3.45 7.28
C THR A 8 4.71 3.62 5.77
N PHE A 9 4.02 2.71 5.09
CA PHE A 9 3.91 2.77 3.64
C PHE A 9 3.15 4.01 3.19
N GLY A 14 -4.02 0.72 -2.05
CA GLY A 14 -3.34 0.64 -3.34
C GLY A 14 -2.51 -0.63 -3.48
N LEU A 15 -2.19 -0.98 -4.71
CA LEU A 15 -1.40 -2.18 -4.98
C LEU A 15 0.08 -1.91 -4.81
N ASN A 1 -2.61 -6.08 -3.10
CA ASN A 1 -3.23 -4.79 -2.83
C ASN A 1 -3.16 -4.46 -1.34
N THR A 8 3.38 3.36 8.02
CA THR A 8 4.62 3.99 7.56
C THR A 8 4.62 4.15 6.04
N PHE A 9 3.97 3.21 5.35
CA PHE A 9 3.91 3.25 3.89
C PHE A 9 3.09 4.45 3.42
N GLY A 14 -3.84 0.56 -1.95
CA GLY A 14 -3.15 0.50 -3.23
C GLY A 14 -2.21 -0.68 -3.33
N LEU A 15 -1.84 -1.04 -4.55
CA LEU A 15 -0.95 -2.18 -4.78
C LEU A 15 0.51 -1.76 -4.59
#